data_6J6M
#
_entry.id   6J6M
#
_cell.length_a   37.924
_cell.length_b   71.988
_cell.length_c   104.429
_cell.angle_alpha   90.00
_cell.angle_beta   90.00
_cell.angle_gamma   90.00
#
_symmetry.space_group_name_H-M   'P 2 21 21'
#
loop_
_entity.id
_entity.type
_entity.pdbx_description
1 polymer 'Tyrosine-protein kinase BTK'
2 non-polymer (7S)-2-(4-phenoxyphenyl)-7-(1-propanoylpiperidin-4-yl)-4,5,6,7-tetrahydropyrazolo[1,5-a]pyrimidine-3-carboxamide
3 non-polymer IMIDAZOLE
4 water water
#
_entity_poly.entity_id   1
_entity_poly.type   'polypeptide(L)'
_entity_poly.pdbx_seq_one_letter_code
;GSGSWEIDPKDLTFLKELGTGQFGVVKYGKWRGQYDVAIKMIKEGSMSEDEFIEEAKVMMNLSHEKLVQLYGVCTKQRPI
FIITEYMANGCLLNYLREMRHRFQTQQLLEMCKDVCEAMEYLESKQFLHRDLAARNCLVNDQGVVKVSDFGLSRYVLDDE
YTSSVGSKFPVRWSPPEVLMYSKFSSKSDIWAFGVLMWEIYSLGKMPYERFTNSETAEHIAQGLRLYRPHLASEKVYTIM
YSCWHEKADERPTFKILLSNILDVMDEES
;
_entity_poly.pdbx_strand_id   A
#
loop_
_chem_comp.id
_chem_comp.type
_chem_comp.name
_chem_comp.formula
BA0 non-polymer (7S)-2-(4-phenoxyphenyl)-7-(1-propanoylpiperidin-4-yl)-4,5,6,7-tetrahydropyrazolo[1,5-a]pyrimidine-3-carboxamide 'C27 H31 N5 O3'
IMD non-polymer IMIDAZOLE 'C3 H5 N2 1'
#
# COMPACT_ATOMS: atom_id res chain seq x y z
N GLY A 3 7.88 -26.54 -3.99
CA GLY A 3 7.46 -26.48 -2.60
C GLY A 3 6.04 -26.00 -2.41
N SER A 4 5.64 -25.81 -1.14
CA SER A 4 4.30 -25.35 -0.81
C SER A 4 4.00 -23.95 -1.32
N TRP A 5 5.01 -23.22 -1.82
CA TRP A 5 4.79 -21.90 -2.38
C TRP A 5 4.34 -21.94 -3.84
N GLU A 6 4.29 -23.12 -4.43
CA GLU A 6 4.05 -23.29 -5.87
C GLU A 6 2.62 -23.76 -6.08
N ILE A 7 1.86 -23.00 -6.86
CA ILE A 7 0.51 -23.38 -7.28
C ILE A 7 0.61 -23.93 -8.70
N ASP A 8 -0.17 -24.97 -8.98
CA ASP A 8 -0.23 -25.50 -10.35
C ASP A 8 -1.13 -24.58 -11.17
N PRO A 9 -0.61 -23.88 -12.17
CA PRO A 9 -1.46 -22.99 -12.96
C PRO A 9 -2.58 -23.72 -13.70
N LYS A 10 -2.48 -25.03 -13.86
CA LYS A 10 -3.58 -25.77 -14.47
C LYS A 10 -4.84 -25.74 -13.61
N ASP A 11 -4.71 -25.40 -12.33
CA ASP A 11 -5.85 -25.30 -11.42
C ASP A 11 -6.59 -23.98 -11.55
N LEU A 12 -6.14 -23.07 -12.42
CA LEU A 12 -6.75 -21.76 -12.55
C LEU A 12 -7.72 -21.73 -13.73
N THR A 13 -8.83 -21.04 -13.53
CA THR A 13 -9.77 -20.69 -14.59
C THR A 13 -9.85 -19.18 -14.62
N PHE A 14 -9.45 -18.57 -15.73
CA PHE A 14 -9.45 -17.12 -15.84
C PHE A 14 -10.83 -16.62 -16.25
N LEU A 15 -11.35 -15.63 -15.53
CA LEU A 15 -12.72 -15.16 -15.73
C LEU A 15 -12.82 -13.70 -16.14
N LYS A 16 -11.91 -12.83 -15.71
CA LYS A 16 -12.06 -11.41 -15.99
C LYS A 16 -10.71 -10.70 -15.95
N GLU A 17 -10.54 -9.73 -16.85
CA GLU A 17 -9.39 -8.83 -16.81
C GLU A 17 -9.61 -7.77 -15.74
N LEU A 18 -8.61 -7.55 -14.89
CA LEU A 18 -8.73 -6.58 -13.81
C LEU A 18 -7.94 -5.29 -14.04
N GLY A 19 -7.08 -5.25 -15.04
CA GLY A 19 -6.33 -4.05 -15.30
C GLY A 19 -4.86 -4.34 -15.47
N THR A 20 -4.08 -3.27 -15.53
CA THR A 20 -2.65 -3.35 -15.78
C THR A 20 -1.91 -2.43 -14.83
N GLY A 21 -0.68 -2.83 -14.51
CA GLY A 21 0.24 -2.04 -13.71
C GLY A 21 1.65 -2.24 -14.21
N GLN A 22 2.64 -1.85 -13.40
CA GLN A 22 4.02 -1.81 -13.87
C GLN A 22 4.59 -3.18 -14.18
N PHE A 23 3.95 -4.25 -13.75
CA PHE A 23 4.39 -5.61 -14.07
C PHE A 23 3.56 -6.27 -15.16
N GLY A 24 2.52 -5.61 -15.67
CA GLY A 24 1.67 -6.18 -16.70
C GLY A 24 0.25 -6.37 -16.20
N VAL A 25 -0.36 -7.49 -16.54
CA VAL A 25 -1.80 -7.66 -16.39
C VAL A 25 -2.14 -8.35 -15.08
N VAL A 26 -3.35 -8.07 -14.59
CA VAL A 26 -3.93 -8.75 -13.45
C VAL A 26 -5.28 -9.29 -13.87
N LYS A 27 -5.60 -10.52 -13.46
CA LYS A 27 -6.86 -11.16 -13.81
C LYS A 27 -7.56 -11.71 -12.57
N TYR A 28 -8.87 -11.86 -12.68
CA TYR A 28 -9.69 -12.55 -11.70
C TYR A 28 -9.99 -13.95 -12.22
N GLY A 29 -9.95 -14.93 -11.32
CA GLY A 29 -10.36 -16.26 -11.73
C GLY A 29 -10.71 -17.13 -10.53
N LYS A 30 -10.85 -18.43 -10.83
CA LYS A 30 -11.12 -19.44 -9.82
C LYS A 30 -9.94 -20.40 -9.71
N TRP A 31 -9.69 -20.89 -8.50
CA TRP A 31 -8.75 -21.97 -8.24
C TRP A 31 -9.55 -23.23 -7.90
N ARG A 32 -9.21 -24.32 -8.61
CA ARG A 32 -9.92 -25.60 -8.50
C ARG A 32 -11.43 -25.41 -8.54
N GLY A 33 -11.87 -24.58 -9.49
CA GLY A 33 -13.27 -24.40 -9.81
C GLY A 33 -14.10 -23.66 -8.79
N GLN A 34 -13.61 -23.43 -7.58
CA GLN A 34 -14.46 -22.90 -6.53
C GLN A 34 -13.96 -21.60 -5.93
N TYR A 35 -12.65 -21.43 -5.75
CA TYR A 35 -12.16 -20.38 -4.86
C TYR A 35 -11.72 -19.16 -5.65
N ASP A 36 -12.27 -17.99 -5.31
CA ASP A 36 -11.89 -16.76 -5.99
C ASP A 36 -10.42 -16.43 -5.73
N VAL A 37 -9.70 -16.07 -6.78
CA VAL A 37 -8.32 -15.63 -6.69
C VAL A 37 -8.09 -14.48 -7.67
N ALA A 38 -7.08 -13.69 -7.37
CA ALA A 38 -6.49 -12.77 -8.33
C ALA A 38 -5.15 -13.35 -8.77
N ILE A 39 -4.80 -13.07 -10.03
CA ILE A 39 -3.60 -13.58 -10.67
C ILE A 39 -2.86 -12.38 -11.24
N LYS A 40 -1.72 -12.02 -10.65
CA LYS A 40 -0.87 -10.95 -11.17
C LYS A 40 0.23 -11.60 -12.00
N MET A 41 0.27 -11.26 -13.30
CA MET A 41 1.21 -11.88 -14.22
C MET A 41 2.40 -10.95 -14.43
N ILE A 42 3.60 -11.44 -14.13
CA ILE A 42 4.81 -10.62 -14.09
C ILE A 42 5.47 -10.67 -15.46
N LYS A 43 5.43 -9.55 -16.18
CA LYS A 43 5.98 -9.52 -17.51
C LYS A 43 7.49 -9.72 -17.47
N GLU A 44 7.99 -10.40 -18.50
CA GLU A 44 9.41 -10.69 -18.60
C GLU A 44 10.24 -9.41 -18.56
N GLY A 45 11.35 -9.47 -17.83
CA GLY A 45 12.27 -8.35 -17.75
C GLY A 45 11.91 -7.30 -16.71
N SER A 46 10.78 -7.43 -16.02
CA SER A 46 10.37 -6.38 -15.10
C SER A 46 10.79 -6.63 -13.65
N MET A 47 11.10 -7.88 -13.29
CA MET A 47 11.28 -8.25 -11.89
C MET A 47 12.57 -9.05 -11.72
N SER A 48 13.20 -8.86 -10.56
CA SER A 48 14.30 -9.70 -10.13
C SER A 48 13.69 -10.99 -9.61
N GLU A 49 13.56 -11.97 -10.51
CA GLU A 49 12.61 -13.06 -10.27
C GLU A 49 13.10 -14.05 -9.22
N ASP A 50 14.38 -14.44 -9.26
CA ASP A 50 14.85 -15.41 -8.27
C ASP A 50 14.74 -14.83 -6.86
N GLU A 51 15.10 -13.55 -6.69
CA GLU A 51 14.99 -12.93 -5.39
C GLU A 51 13.53 -12.85 -4.95
N PHE A 52 12.63 -12.45 -5.87
CA PHE A 52 11.22 -12.41 -5.50
C PHE A 52 10.72 -13.79 -5.09
N ILE A 53 11.07 -14.82 -5.83
CA ILE A 53 10.59 -16.17 -5.52
C ILE A 53 11.06 -16.59 -4.14
N GLU A 54 12.31 -16.30 -3.79
CA GLU A 54 12.77 -16.60 -2.45
C GLU A 54 11.98 -15.82 -1.40
N GLU A 55 11.71 -14.54 -1.66
CA GLU A 55 10.98 -13.74 -0.69
C GLU A 55 9.52 -14.17 -0.57
N ALA A 56 8.94 -14.71 -1.64
CA ALA A 56 7.55 -15.17 -1.60
C ALA A 56 7.37 -16.23 -0.51
N LYS A 57 8.40 -17.01 -0.22
CA LYS A 57 8.31 -17.99 0.86
C LYS A 57 8.09 -17.31 2.19
N VAL A 58 8.77 -16.18 2.43
CA VAL A 58 8.55 -15.38 3.64
C VAL A 58 7.15 -14.78 3.63
N MET A 59 6.73 -14.27 2.47
CA MET A 59 5.44 -13.60 2.39
C MET A 59 4.28 -14.56 2.63
N MET A 60 4.44 -15.83 2.24
CA MET A 60 3.39 -16.82 2.47
C MET A 60 3.13 -17.05 3.96
N ASN A 61 4.13 -16.79 4.80
CA ASN A 61 3.97 -16.97 6.24
C ASN A 61 3.30 -15.79 6.91
N LEU A 62 3.16 -14.66 6.22
CA LEU A 62 2.42 -13.54 6.75
C LEU A 62 0.93 -13.83 6.65
N SER A 63 0.19 -13.48 7.70
CA SER A 63 -1.25 -13.73 7.69
C SER A 63 -1.93 -12.75 8.62
N HIS A 64 -2.79 -11.91 8.04
CA HIS A 64 -3.56 -10.96 8.84
C HIS A 64 -4.81 -10.59 8.04
N GLU A 65 -5.91 -10.38 8.76
CA GLU A 65 -7.18 -10.15 8.09
C GLU A 65 -7.19 -8.86 7.26
N LYS A 66 -6.30 -7.91 7.52
CA LYS A 66 -6.25 -6.68 6.76
C LYS A 66 -5.06 -6.63 5.80
N LEU A 67 -4.42 -7.77 5.56
CA LEU A 67 -3.28 -7.88 4.66
C LEU A 67 -3.69 -8.83 3.53
N VAL A 68 -3.52 -8.41 2.29
CA VAL A 68 -3.87 -9.28 1.16
C VAL A 68 -3.07 -10.57 1.25
N GLN A 69 -3.77 -11.71 1.22
CA GLN A 69 -3.12 -13.00 1.41
C GLN A 69 -2.49 -13.48 0.11
N LEU A 70 -1.21 -13.85 0.19
CA LEU A 70 -0.52 -14.51 -0.90
C LEU A 70 -0.81 -16.01 -0.82
N TYR A 71 -1.46 -16.56 -1.85
CA TYR A 71 -1.74 -17.98 -1.89
C TYR A 71 -0.59 -18.78 -2.48
N GLY A 72 0.16 -18.19 -3.39
CA GLY A 72 1.28 -18.91 -3.96
C GLY A 72 1.76 -18.23 -5.24
N VAL A 73 2.72 -18.88 -5.88
CA VAL A 73 3.27 -18.39 -7.13
C VAL A 73 3.30 -19.54 -8.12
N CYS A 74 3.36 -19.18 -9.40
CA CYS A 74 3.54 -20.13 -10.50
C CYS A 74 4.79 -19.67 -11.23
N THR A 75 5.85 -20.46 -11.14
CA THR A 75 7.17 -20.03 -11.62
C THR A 75 7.79 -20.97 -12.65
N LYS A 76 7.09 -22.02 -13.07
CA LYS A 76 7.66 -22.95 -14.04
C LYS A 76 7.58 -22.43 -15.47
N GLN A 77 6.81 -21.37 -15.71
CA GLN A 77 6.68 -20.76 -17.01
C GLN A 77 6.81 -19.25 -16.85
N ARG A 78 6.89 -18.56 -17.97
CA ARG A 78 6.89 -17.11 -17.97
C ARG A 78 5.77 -16.59 -18.84
N PRO A 79 5.06 -15.53 -18.42
CA PRO A 79 5.31 -14.79 -17.17
C PRO A 79 5.00 -15.60 -15.93
N ILE A 80 5.70 -15.35 -14.82
CA ILE A 80 5.33 -15.98 -13.55
C ILE A 80 4.05 -15.35 -13.01
N PHE A 81 3.35 -16.10 -12.18
CA PHE A 81 2.08 -15.66 -11.60
C PHE A 81 2.20 -15.52 -10.10
N ILE A 82 1.58 -14.46 -9.55
CA ILE A 82 1.36 -14.32 -8.11
C ILE A 82 -0.14 -14.50 -7.89
N ILE A 83 -0.50 -15.47 -7.05
CA ILE A 83 -1.89 -15.84 -6.81
C ILE A 83 -2.25 -15.37 -5.42
N THR A 84 -3.32 -14.56 -5.32
CA THR A 84 -3.67 -13.90 -4.07
C THR A 84 -5.17 -13.90 -3.86
N GLU A 85 -5.53 -13.51 -2.65
CA GLU A 85 -6.90 -13.16 -2.30
C GLU A 85 -7.45 -12.13 -3.30
N TYR A 86 -8.73 -12.27 -3.63
CA TYR A 86 -9.38 -11.41 -4.61
C TYR A 86 -10.10 -10.25 -3.94
N MET A 87 -9.81 -9.03 -4.41
CA MET A 87 -10.34 -7.79 -3.83
C MET A 87 -11.20 -7.12 -4.90
N ALA A 88 -12.51 -7.36 -4.84
CA ALA A 88 -13.35 -7.06 -6.00
C ALA A 88 -13.51 -5.58 -6.27
N ASN A 89 -13.33 -4.73 -5.26
CA ASN A 89 -13.54 -3.30 -5.46
C ASN A 89 -12.28 -2.55 -5.82
N GLY A 90 -11.17 -3.25 -6.02
CA GLY A 90 -10.03 -2.65 -6.69
C GLY A 90 -9.17 -1.78 -5.80
N CYS A 91 -8.34 -0.96 -6.43
CA CYS A 91 -7.41 -0.17 -5.65
C CYS A 91 -8.13 0.94 -4.88
N LEU A 92 -7.62 1.19 -3.68
CA LEU A 92 -8.24 2.20 -2.80
C LEU A 92 -8.23 3.57 -3.45
N LEU A 93 -7.18 3.93 -4.17
CA LEU A 93 -7.12 5.25 -4.78
C LEU A 93 -8.33 5.51 -5.67
N ASN A 94 -8.62 4.58 -6.57
CA ASN A 94 -9.73 4.79 -7.50
C ASN A 94 -11.08 4.72 -6.79
N TYR A 95 -11.17 3.89 -5.75
CA TYR A 95 -12.39 3.79 -4.95
C TYR A 95 -12.70 5.12 -4.26
N LEU A 96 -11.67 5.74 -3.66
CA LEU A 96 -11.84 7.04 -3.03
C LEU A 96 -12.30 8.09 -4.01
N ARG A 97 -11.81 8.02 -5.24
CA ARG A 97 -12.12 9.03 -6.24
C ARG A 97 -13.52 8.91 -6.83
N GLU A 98 -14.23 7.81 -6.58
CA GLU A 98 -15.61 7.63 -7.05
C GLU A 98 -16.52 8.37 -6.08
N MET A 99 -16.97 9.55 -6.48
CA MET A 99 -17.79 10.38 -5.58
C MET A 99 -19.15 9.77 -5.26
N ARG A 100 -19.64 8.85 -6.10
CA ARG A 100 -20.95 8.25 -5.83
C ARG A 100 -21.01 7.62 -4.44
N HIS A 101 -19.89 7.14 -3.90
CA HIS A 101 -19.92 6.46 -2.61
C HIS A 101 -20.41 7.37 -1.49
N ARG A 102 -20.19 8.68 -1.60
CA ARG A 102 -20.71 9.61 -0.61
C ARG A 102 -20.30 9.19 0.80
N PHE A 103 -18.98 9.01 0.99
CA PHE A 103 -18.48 8.44 2.22
C PHE A 103 -18.79 9.32 3.42
N GLN A 104 -19.12 8.69 4.54
CA GLN A 104 -19.10 9.36 5.83
C GLN A 104 -17.69 9.34 6.38
N THR A 105 -17.37 10.30 7.25
CA THR A 105 -16.02 10.31 7.80
C THR A 105 -15.75 9.09 8.67
N GLN A 106 -16.78 8.51 9.28
CA GLN A 106 -16.56 7.26 10.01
C GLN A 106 -16.03 6.16 9.10
N GLN A 107 -16.52 6.11 7.86
CA GLN A 107 -16.02 5.14 6.90
C GLN A 107 -14.57 5.41 6.56
N LEU A 108 -14.22 6.69 6.36
CA LEU A 108 -12.83 7.04 6.07
C LEU A 108 -11.90 6.66 7.21
N LEU A 109 -12.32 6.91 8.45
CA LEU A 109 -11.49 6.53 9.60
C LEU A 109 -11.36 5.02 9.70
N GLU A 110 -12.41 4.27 9.36
CA GLU A 110 -12.33 2.81 9.34
C GLU A 110 -11.33 2.33 8.28
N MET A 111 -11.28 2.99 7.12
CA MET A 111 -10.25 2.63 6.14
C MET A 111 -8.85 2.83 6.73
N CYS A 112 -8.64 3.97 7.39
CA CYS A 112 -7.35 4.20 8.04
C CYS A 112 -7.05 3.11 9.07
N LYS A 113 -8.05 2.71 9.84
CA LYS A 113 -7.84 1.68 10.85
C LYS A 113 -7.50 0.33 10.22
N ASP A 114 -8.20 -0.04 9.14
CA ASP A 114 -7.88 -1.27 8.43
C ASP A 114 -6.40 -1.30 8.08
N VAL A 115 -5.93 -0.22 7.42
CA VAL A 115 -4.53 -0.17 7.01
C VAL A 115 -3.61 -0.18 8.22
N CYS A 116 -3.96 0.57 9.26
CA CYS A 116 -3.09 0.64 10.43
C CYS A 116 -2.95 -0.73 11.10
N GLU A 117 -4.03 -1.51 11.14
CA GLU A 117 -3.93 -2.85 11.72
C GLU A 117 -2.98 -3.71 10.92
N ALA A 118 -3.10 -3.68 9.59
CA ALA A 118 -2.17 -4.45 8.76
C ALA A 118 -0.73 -4.00 8.99
N MET A 119 -0.51 -2.68 9.09
CA MET A 119 0.85 -2.18 9.25
C MET A 119 1.41 -2.48 10.62
N GLU A 120 0.56 -2.46 11.65
CA GLU A 120 1.02 -2.89 12.97
C GLU A 120 1.46 -4.35 12.92
N TYR A 121 0.71 -5.18 12.20
CA TYR A 121 1.12 -6.57 12.04
C TYR A 121 2.47 -6.68 11.31
N LEU A 122 2.61 -6.00 10.18
CA LEU A 122 3.89 -6.03 9.47
C LEU A 122 5.02 -5.55 10.36
N GLU A 123 4.81 -4.46 11.09
CA GLU A 123 5.82 -3.96 12.01
C GLU A 123 6.19 -5.00 13.05
N SER A 124 5.20 -5.75 13.57
CA SER A 124 5.50 -6.79 14.55
C SER A 124 6.31 -7.92 13.94
N LYS A 125 6.27 -8.07 12.63
CA LYS A 125 7.10 -9.04 11.92
C LYS A 125 8.38 -8.42 11.36
N GLN A 126 8.68 -7.16 11.69
CA GLN A 126 9.86 -6.46 11.17
C GLN A 126 9.88 -6.43 9.64
N PHE A 127 8.69 -6.38 9.02
CA PHE A 127 8.54 -6.40 7.57
C PHE A 127 8.13 -5.00 7.11
N LEU A 128 9.00 -4.33 6.37
CA LEU A 128 8.67 -3.01 5.88
C LEU A 128 7.81 -3.11 4.63
N HIS A 129 6.86 -2.19 4.50
CA HIS A 129 6.13 -2.14 3.24
C HIS A 129 7.00 -1.59 2.12
N ARG A 130 7.64 -0.44 2.36
CA ARG A 130 8.55 0.27 1.48
C ARG A 130 7.86 1.09 0.37
N ASP A 131 6.56 0.93 0.13
CA ASP A 131 5.86 1.80 -0.81
C ASP A 131 4.38 1.89 -0.47
N LEU A 132 4.07 2.23 0.77
CA LEU A 132 2.67 2.32 1.17
C LEU A 132 2.03 3.57 0.57
N ALA A 133 0.85 3.40 -0.03
CA ALA A 133 0.14 4.49 -0.69
C ALA A 133 -1.25 3.96 -1.04
N ALA A 134 -2.21 4.88 -1.25
CA ALA A 134 -3.56 4.42 -1.58
C ALA A 134 -3.59 3.57 -2.84
N ARG A 135 -2.70 3.84 -3.80
CA ARG A 135 -2.67 3.05 -5.02
C ARG A 135 -2.29 1.59 -4.76
N ASN A 136 -1.70 1.31 -3.59
CA ASN A 136 -1.17 0.00 -3.17
C ASN A 136 -2.01 -0.64 -2.06
N CYS A 137 -3.21 -0.13 -1.84
CA CYS A 137 -4.19 -0.75 -0.98
C CYS A 137 -5.36 -1.20 -1.85
N LEU A 138 -6.07 -2.24 -1.41
CA LEU A 138 -7.16 -2.82 -2.19
C LEU A 138 -8.41 -2.85 -1.33
N VAL A 139 -9.57 -2.97 -1.97
CA VAL A 139 -10.86 -2.92 -1.29
C VAL A 139 -11.66 -4.16 -1.71
N ASN A 140 -12.16 -4.91 -0.73
CA ASN A 140 -12.95 -6.10 -1.07
C ASN A 140 -14.43 -5.76 -1.24
N ASP A 141 -15.24 -6.78 -1.52
CA ASP A 141 -16.65 -6.55 -1.78
C ASP A 141 -17.43 -6.14 -0.54
N GLN A 142 -16.85 -6.25 0.64
CA GLN A 142 -17.47 -5.75 1.87
C GLN A 142 -16.98 -4.35 2.24
N GLY A 143 -16.15 -3.73 1.41
CA GLY A 143 -15.64 -2.42 1.70
C GLY A 143 -14.45 -2.39 2.63
N VAL A 144 -13.90 -3.57 2.98
CA VAL A 144 -12.72 -3.64 3.84
C VAL A 144 -11.48 -3.33 3.01
N VAL A 145 -10.62 -2.46 3.54
CA VAL A 145 -9.36 -2.11 2.90
C VAL A 145 -8.26 -3.03 3.42
N LYS A 146 -7.42 -3.52 2.50
CA LYS A 146 -6.29 -4.33 2.88
C LYS A 146 -5.03 -3.82 2.20
N VAL A 147 -3.92 -4.04 2.86
CA VAL A 147 -2.60 -3.63 2.38
C VAL A 147 -2.09 -4.66 1.38
N SER A 148 -1.54 -4.18 0.27
CA SER A 148 -1.12 -5.03 -0.84
C SER A 148 0.26 -4.60 -1.33
N ASP A 149 0.84 -5.45 -2.19
CA ASP A 149 2.16 -5.20 -2.80
C ASP A 149 3.26 -4.96 -1.77
N PHE A 150 3.10 -5.52 -0.57
CA PHE A 150 4.03 -5.23 0.51
C PHE A 150 5.42 -5.76 0.17
N GLY A 151 6.43 -4.87 0.26
CA GLY A 151 7.81 -5.18 -0.03
C GLY A 151 8.16 -5.34 -1.50
N LEU A 152 7.20 -5.30 -2.38
CA LEU A 152 7.42 -5.64 -3.78
C LEU A 152 8.37 -4.73 -4.52
N SER A 153 8.51 -3.49 -4.09
CA SER A 153 9.37 -2.56 -4.79
C SER A 153 10.83 -3.00 -4.77
N ARG A 154 11.21 -3.88 -3.84
CA ARG A 154 12.58 -4.36 -3.78
C ARG A 154 12.98 -5.17 -5.01
N TYR A 155 12.02 -5.65 -5.80
CA TYR A 155 12.30 -6.56 -6.91
C TYR A 155 12.07 -5.93 -8.27
N VAL A 156 11.87 -4.61 -8.32
CA VAL A 156 11.62 -3.89 -9.57
C VAL A 156 12.95 -3.60 -10.27
N LEU A 157 13.04 -4.00 -11.54
CA LEU A 157 14.26 -3.79 -12.30
C LEU A 157 14.33 -2.44 -13.01
N ASP A 158 13.20 -1.77 -13.21
CA ASP A 158 13.19 -0.47 -13.87
C ASP A 158 13.68 0.58 -12.87
N ASP A 159 14.89 1.10 -13.10
CA ASP A 159 15.51 2.02 -12.13
C ASP A 159 14.76 3.33 -11.97
N GLU A 160 13.83 3.67 -12.88
CA GLU A 160 13.03 4.87 -12.67
C GLU A 160 12.22 4.80 -11.38
N TYR A 161 11.94 3.60 -10.88
CA TYR A 161 11.14 3.42 -9.68
C TYR A 161 11.98 3.28 -8.41
N THR A 162 13.28 3.03 -8.54
CA THR A 162 14.04 2.43 -7.45
C THR A 162 14.82 3.40 -6.58
N SER A 163 14.97 4.67 -7.00
CA SER A 163 15.64 5.66 -6.17
C SER A 163 15.11 7.04 -6.53
N SER A 164 15.41 8.03 -5.68
CA SER A 164 14.94 9.39 -5.94
C SER A 164 15.59 9.98 -7.18
N VAL A 165 16.67 9.38 -7.67
CA VAL A 165 17.21 9.78 -8.97
C VAL A 165 16.33 9.36 -10.12
N GLY A 166 15.37 8.45 -9.86
CA GLY A 166 14.45 8.01 -10.89
C GLY A 166 13.21 8.88 -10.98
N SER A 167 12.60 8.88 -12.15
CA SER A 167 11.46 9.73 -12.46
C SER A 167 10.13 9.16 -11.99
N LYS A 168 10.11 7.94 -11.44
CA LYS A 168 8.89 7.30 -10.97
C LYS A 168 8.97 6.86 -9.51
N PHE A 169 9.85 7.49 -8.73
CA PHE A 169 9.99 7.19 -7.31
C PHE A 169 8.86 7.85 -6.52
N PRO A 170 8.40 7.21 -5.42
CA PRO A 170 7.28 7.78 -4.64
C PRO A 170 7.71 8.94 -3.73
N VAL A 171 8.19 10.01 -4.37
CA VAL A 171 8.62 11.21 -3.66
C VAL A 171 7.55 11.70 -2.69
N ARG A 172 6.28 11.72 -3.12
CA ARG A 172 5.23 12.34 -2.33
C ARG A 172 4.86 11.55 -1.09
N TRP A 173 5.37 10.32 -0.96
CA TRP A 173 5.14 9.49 0.21
C TRP A 173 6.40 9.28 1.04
N SER A 174 7.45 10.07 0.80
CA SER A 174 8.77 9.83 1.35
C SER A 174 9.17 10.86 2.39
N PRO A 175 9.71 10.43 3.53
CA PRO A 175 10.18 11.40 4.53
C PRO A 175 11.49 12.04 4.11
N PRO A 176 11.87 13.13 4.77
CA PRO A 176 13.13 13.81 4.41
C PRO A 176 14.35 12.90 4.40
N GLU A 177 14.46 11.96 5.34
CA GLU A 177 15.66 11.13 5.38
C GLU A 177 15.72 10.14 4.23
N VAL A 178 14.55 9.77 3.66
CA VAL A 178 14.56 8.98 2.43
C VAL A 178 14.98 9.84 1.25
N LEU A 179 14.37 11.01 1.11
CA LEU A 179 14.68 11.88 -0.03
C LEU A 179 16.15 12.27 -0.03
N MET A 180 16.71 12.57 1.13
CA MET A 180 18.08 13.05 1.20
C MET A 180 19.13 11.93 1.25
N TYR A 181 18.83 10.83 1.93
CA TYR A 181 19.85 9.86 2.28
C TYR A 181 19.48 8.43 1.94
N SER A 182 18.28 8.18 1.43
CA SER A 182 17.81 6.82 1.18
C SER A 182 17.74 5.99 2.46
N LYS A 183 17.39 6.62 3.58
CA LYS A 183 17.31 5.91 4.85
C LYS A 183 15.90 5.38 5.07
N PHE A 184 15.68 4.12 4.73
CA PHE A 184 14.40 3.46 4.95
C PHE A 184 14.37 2.83 6.33
N SER A 185 13.18 2.83 6.95
CA SER A 185 13.02 2.27 8.28
C SER A 185 11.53 2.13 8.56
N SER A 186 11.20 1.60 9.73
CA SER A 186 9.81 1.59 10.15
C SER A 186 9.22 3.00 10.05
N LYS A 187 10.04 4.01 10.35
CA LYS A 187 9.57 5.40 10.38
C LYS A 187 9.34 5.98 9.00
N SER A 188 9.90 5.39 7.93
CA SER A 188 9.48 5.81 6.60
C SER A 188 8.14 5.20 6.21
N ASP A 189 7.84 3.98 6.68
CA ASP A 189 6.48 3.47 6.53
C ASP A 189 5.49 4.33 7.31
N ILE A 190 5.87 4.78 8.51
CA ILE A 190 4.98 5.66 9.30
C ILE A 190 4.67 6.94 8.52
N TRP A 191 5.71 7.60 7.98
CA TRP A 191 5.49 8.80 7.19
C TRP A 191 4.50 8.53 6.07
N ALA A 192 4.74 7.46 5.31
CA ALA A 192 3.88 7.11 4.19
C ALA A 192 2.45 6.88 4.65
N PHE A 193 2.27 6.25 5.80
CA PHE A 193 0.93 6.04 6.34
C PHE A 193 0.23 7.37 6.60
N GLY A 194 0.95 8.35 7.13
CA GLY A 194 0.32 9.65 7.31
C GLY A 194 -0.14 10.24 5.99
N VAL A 195 0.69 10.12 4.95
CA VAL A 195 0.27 10.58 3.63
C VAL A 195 -0.96 9.82 3.16
N LEU A 196 -0.99 8.51 3.41
CA LEU A 196 -2.15 7.70 3.03
C LEU A 196 -3.41 8.18 3.76
N MET A 197 -3.32 8.48 5.04
CA MET A 197 -4.48 9.05 5.74
C MET A 197 -4.92 10.34 5.05
N TRP A 198 -3.97 11.18 4.66
CA TRP A 198 -4.30 12.39 3.94
C TRP A 198 -5.01 12.07 2.61
N GLU A 199 -4.54 11.05 1.88
CA GLU A 199 -5.19 10.66 0.63
C GLU A 199 -6.62 10.24 0.88
N ILE A 200 -6.84 9.45 1.94
CA ILE A 200 -8.18 8.97 2.27
C ILE A 200 -9.11 10.15 2.57
N TYR A 201 -8.67 11.04 3.47
CA TYR A 201 -9.53 12.16 3.84
C TYR A 201 -9.66 13.19 2.74
N SER A 202 -8.79 13.16 1.74
CA SER A 202 -8.91 14.01 0.56
C SER A 202 -9.60 13.32 -0.60
N LEU A 203 -10.21 12.16 -0.35
CA LEU A 203 -10.93 11.44 -1.41
C LEU A 203 -10.06 11.21 -2.64
N GLY A 204 -8.79 10.88 -2.41
CA GLY A 204 -7.94 10.45 -3.49
C GLY A 204 -7.25 11.56 -4.26
N LYS A 205 -7.23 12.78 -3.75
CA LYS A 205 -6.40 13.82 -4.34
C LYS A 205 -4.93 13.41 -4.31
N MET A 206 -4.18 13.84 -5.31
CA MET A 206 -2.74 13.64 -5.30
C MET A 206 -2.11 14.49 -4.19
N PRO A 207 -1.26 13.92 -3.34
CA PRO A 207 -0.56 14.75 -2.35
C PRO A 207 0.29 15.80 -3.06
N TYR A 208 0.31 17.01 -2.51
CA TYR A 208 1.04 18.14 -3.10
C TYR A 208 0.62 18.35 -4.55
N GLU A 209 -0.69 18.40 -4.76
CA GLU A 209 -1.29 18.24 -6.09
C GLU A 209 -0.80 19.29 -7.08
N ARG A 210 -0.43 20.48 -6.61
CA ARG A 210 -0.02 21.55 -7.51
C ARG A 210 1.48 21.59 -7.76
N PHE A 211 2.24 20.71 -7.12
CA PHE A 211 3.70 20.67 -7.20
C PHE A 211 4.16 19.49 -8.05
N THR A 212 5.32 19.66 -8.68
CA THR A 212 6.05 18.53 -9.23
C THR A 212 6.72 17.75 -8.10
N ASN A 213 7.25 16.57 -8.44
CA ASN A 213 8.05 15.82 -7.45
C ASN A 213 9.24 16.66 -6.96
N SER A 214 9.92 17.34 -7.88
CA SER A 214 11.08 18.13 -7.45
C SER A 214 10.66 19.24 -6.50
N GLU A 215 9.56 19.92 -6.81
CA GLU A 215 9.07 20.97 -5.92
C GLU A 215 8.61 20.39 -4.59
N THR A 216 8.02 19.19 -4.61
CA THR A 216 7.65 18.55 -3.36
C THR A 216 8.88 18.29 -2.49
N ALA A 217 9.94 17.76 -3.08
CA ALA A 217 11.14 17.50 -2.30
C ALA A 217 11.69 18.79 -1.71
N GLU A 218 11.64 19.89 -2.46
CA GLU A 218 12.07 21.18 -1.90
C GLU A 218 11.17 21.64 -0.76
N HIS A 219 9.86 21.50 -0.92
CA HIS A 219 8.89 21.82 0.14
C HIS A 219 9.26 21.09 1.43
N ILE A 220 9.55 19.80 1.29
CA ILE A 220 9.93 18.99 2.44
C ILE A 220 11.27 19.45 3.01
N ALA A 221 12.22 19.79 2.15
CA ALA A 221 13.52 20.27 2.62
C ALA A 221 13.38 21.57 3.41
N GLN A 222 12.35 22.36 3.12
CA GLN A 222 12.07 23.58 3.87
C GLN A 222 11.25 23.33 5.13
N GLY A 223 10.95 22.07 5.42
CA GLY A 223 10.20 21.73 6.62
C GLY A 223 8.70 21.88 6.50
N LEU A 224 8.19 22.09 5.30
CA LEU A 224 6.76 22.28 5.10
C LEU A 224 6.06 20.94 4.88
N ARG A 225 4.73 20.97 4.97
CA ARG A 225 3.92 19.76 5.07
C ARG A 225 2.63 19.91 4.27
N LEU A 226 1.97 18.77 4.04
CA LEU A 226 0.58 18.80 3.64
C LEU A 226 -0.23 19.51 4.73
N TYR A 227 -1.41 19.99 4.38
CA TYR A 227 -2.29 20.60 5.36
C TYR A 227 -3.63 19.87 5.42
N ARG A 228 -4.48 20.33 6.31
CA ARG A 228 -5.64 19.55 6.75
C ARG A 228 -6.68 19.38 5.65
N PRO A 229 -7.02 18.15 5.28
CA PRO A 229 -8.15 17.96 4.35
C PRO A 229 -9.45 18.42 4.98
N HIS A 230 -10.33 18.95 4.14
CA HIS A 230 -11.62 19.45 4.60
C HIS A 230 -12.39 18.45 5.46
N LEU A 231 -12.31 17.16 5.12
CA LEU A 231 -13.08 16.13 5.82
C LEU A 231 -12.43 15.67 7.11
N ALA A 232 -11.18 16.06 7.40
CA ALA A 232 -10.50 15.62 8.60
C ALA A 232 -10.82 16.56 9.76
N SER A 233 -11.29 15.98 10.87
CA SER A 233 -11.40 16.73 12.11
C SER A 233 -10.01 17.13 12.62
N GLU A 234 -9.99 18.02 13.59
CA GLU A 234 -8.71 18.38 14.21
C GLU A 234 -8.02 17.16 14.79
N LYS A 235 -8.76 16.27 15.43
CA LYS A 235 -8.13 15.09 16.03
C LYS A 235 -7.54 14.16 14.96
N VAL A 236 -8.27 13.96 13.85
CA VAL A 236 -7.74 13.16 12.76
C VAL A 236 -6.48 13.81 12.18
N TYR A 237 -6.53 15.13 11.98
CA TYR A 237 -5.37 15.82 11.44
C TYR A 237 -4.18 15.66 12.35
N THR A 238 -4.40 15.72 13.67
CA THR A 238 -3.28 15.52 14.61
C THR A 238 -2.63 14.17 14.39
N ILE A 239 -3.44 13.12 14.18
CA ILE A 239 -2.87 11.79 13.95
C ILE A 239 -2.02 11.76 12.68
N MET A 240 -2.57 12.21 11.55
CA MET A 240 -1.78 12.14 10.32
C MET A 240 -0.52 13.01 10.43
N TYR A 241 -0.64 14.20 11.04
CA TYR A 241 0.48 15.12 11.14
C TYR A 241 1.58 14.56 12.02
N SER A 242 1.22 13.75 13.03
CA SER A 242 2.24 13.14 13.88
C SER A 242 3.17 12.20 13.11
N CYS A 243 2.71 11.70 11.96
CA CYS A 243 3.54 10.84 11.14
C CYS A 243 4.64 11.60 10.42
N TRP A 244 4.61 12.94 10.48
CA TRP A 244 5.49 13.76 9.65
C TRP A 244 6.51 14.54 10.47
N HIS A 245 6.76 14.14 11.71
CA HIS A 245 7.84 14.78 12.47
C HIS A 245 9.12 14.72 11.66
N GLU A 246 9.86 15.85 11.65
CA GLU A 246 11.12 15.87 10.93
C GLU A 246 12.05 14.78 11.43
N LYS A 247 12.14 14.60 12.74
CA LYS A 247 12.97 13.57 13.33
C LYS A 247 12.21 12.25 13.34
N ALA A 248 12.78 11.25 12.68
CA ALA A 248 12.10 9.97 12.54
C ALA A 248 11.76 9.36 13.89
N ASP A 249 12.64 9.51 14.88
CA ASP A 249 12.42 8.89 16.18
C ASP A 249 11.27 9.51 16.94
N GLU A 250 10.80 10.68 16.54
CA GLU A 250 9.65 11.32 17.17
C GLU A 250 8.33 10.90 16.57
N ARG A 251 8.35 10.16 15.46
CA ARG A 251 7.14 9.65 14.84
C ARG A 251 6.63 8.45 15.65
N PRO A 252 5.32 8.25 15.71
CA PRO A 252 4.77 7.13 16.47
C PRO A 252 5.08 5.80 15.81
N THR A 253 4.78 4.72 16.53
CA THR A 253 4.71 3.38 15.97
C THR A 253 3.29 3.12 15.46
N PHE A 254 3.14 2.02 14.72
CA PHE A 254 1.80 1.67 14.25
C PHE A 254 0.89 1.26 15.41
N LYS A 255 1.44 0.67 16.46
CA LYS A 255 0.64 0.35 17.64
C LYS A 255 0.07 1.62 18.26
N ILE A 256 0.89 2.65 18.40
CA ILE A 256 0.43 3.92 18.95
C ILE A 256 -0.59 4.56 18.03
N LEU A 257 -0.32 4.57 16.72
CA LEU A 257 -1.29 5.11 15.77
C LEU A 257 -2.63 4.41 15.87
N LEU A 258 -2.61 3.08 16.02
CA LEU A 258 -3.86 2.34 16.10
C LEU A 258 -4.63 2.75 17.35
N SER A 259 -3.94 2.87 18.48
CA SER A 259 -4.61 3.31 19.70
C SER A 259 -5.21 4.70 19.52
N ASN A 260 -4.48 5.61 18.87
CA ASN A 260 -4.98 6.96 18.65
C ASN A 260 -6.21 6.96 17.74
N ILE A 261 -6.18 6.14 16.68
CA ILE A 261 -7.30 6.04 15.77
C ILE A 261 -8.53 5.50 16.50
N LEU A 262 -8.35 4.49 17.34
CA LEU A 262 -9.47 3.94 18.10
C LEU A 262 -10.02 4.97 19.08
N ASP A 263 -9.15 5.73 19.76
CA ASP A 263 -9.62 6.80 20.64
C ASP A 263 -10.53 7.75 19.87
N VAL A 264 -10.07 8.16 18.69
CA VAL A 264 -10.84 9.13 17.91
C VAL A 264 -12.15 8.52 17.42
N MET A 265 -12.11 7.26 16.99
CA MET A 265 -13.33 6.59 16.57
C MET A 265 -14.36 6.58 17.70
N ASP A 266 -13.92 6.31 18.92
CA ASP A 266 -14.86 6.35 20.05
C ASP A 266 -15.39 7.76 20.26
N GLU A 267 -14.51 8.76 20.21
CA GLU A 267 -14.91 10.13 20.51
C GLU A 267 -15.82 10.71 19.42
N GLU A 268 -15.70 10.25 18.19
CA GLU A 268 -16.46 10.75 17.04
C GLU A 268 -17.61 9.84 16.63
N SER A 269 -17.85 8.75 17.34
CA SER A 269 -18.90 7.82 16.98
C SER A 269 -20.28 8.44 17.18
C10 BA0 B . -4.91 -2.81 -8.60
C11 BA0 B . -3.83 -1.78 -8.94
C13 BA0 B . -4.58 0.51 -9.92
C02 BA0 B . -6.65 -8.32 -6.21
C03 BA0 B . -6.03 -7.31 -7.17
C04 BA0 B . -6.76 -6.44 -7.92
C06 BA0 B . -8.70 -5.27 -8.91
C07 BA0 B . -7.75 -4.15 -9.23
C08 BA0 B . -6.40 -4.64 -9.65
C09 BA0 B . -5.31 -3.60 -9.80
C14 BA0 B . -4.17 1.25 -8.66
C15 BA0 B . -5.21 2.29 -8.25
C17 BA0 B . -4.78 -1.66 -11.24
C18 BA0 B . -5.79 -2.75 -10.91
C21 BA0 B . -4.67 -7.08 -7.50
C22 BA0 B . -3.41 -7.74 -7.00
C23 BA0 B . -3.17 -9.06 -7.31
C24 BA0 B . -2.00 -9.63 -6.85
C25 BA0 B . -2.52 -6.98 -6.29
C26 BA0 B . -1.35 -7.55 -5.83
C27 BA0 B . -1.11 -8.88 -6.11
C29 BA0 B . 0.62 -9.24 -4.48
C30 BA0 B . -0.13 -9.16 -3.31
C31 BA0 B . 0.52 -8.91 -2.10
C32 BA0 B . 1.90 -8.76 -2.07
C33 BA0 B . 2.63 -8.87 -3.23
C34 BA0 B . 2.01 -9.12 -4.44
N01 BA0 B . -5.84 -9.08 -5.32
N05 BA0 B . -8.19 -6.21 -7.98
N12 BA0 B . -4.37 -0.90 -10.02
N19 BA0 B . -5.92 -5.69 -8.66
N20 BA0 B . -4.63 -6.08 -8.42
O16 BA0 B . -5.08 1.08 -10.83
O28 BA0 B . 0.06 -9.53 -5.71
O35 BA0 B . -7.85 -8.44 -6.25
N1 IMD C . -8.53 3.35 22.35
C2 IMD C . -7.47 2.54 22.18
N3 IMD C . -7.93 1.28 22.03
C4 IMD C . -9.27 1.30 22.11
C5 IMD C . -9.66 2.61 22.30
HN1 IMD C . -8.49 4.32 22.50
H2 IMD C . -6.53 2.81 22.15
HN3 IMD C . -7.37 0.47 21.90
H4 IMD C . -9.87 0.53 22.03
H5 IMD C . -10.57 2.95 22.38
#